data_8EDK
#
_entry.id   8EDK
#
_cell.length_a   70.243
_cell.length_b   70.243
_cell.length_c   287.353
_cell.angle_alpha   90.000
_cell.angle_beta   90.000
_cell.angle_gamma   90.000
#
_symmetry.space_group_name_H-M   'P 41 21 2'
#
loop_
_entity.id
_entity.type
_entity.pdbx_description
1 polymer 'Netrin unc-6'
2 branched alpha-D-mannopyranose-(1-6)-beta-D-mannopyranose-(1-4)-2-acetamido-2-deoxy-beta-D-glucopyranose-(1-4)-[alpha-L-fucopyranose-(1-3)][alpha-L-fucopyranose-(1-6)]2-acetamido-2-deoxy-beta-D-glucopyranose
3 non-polymer 'SULFATE ION'
4 non-polymer 'CALCIUM ION'
5 non-polymer 2-acetamido-2-deoxy-beta-D-glucopyranose
6 water water
#
_entity_poly.entity_id   1
_entity_poly.type   'polypeptide(L)'
_entity_poly.pdbx_seq_one_letter_code
;ADPAYFSQFSMRAPDHDPCHDHTGRPVRCVPEFINAAFGKPVIASDTCGTNRPDKYCTVKEGPDGIIREQCDTCDARNHF
QSHPASLLTDLNSIGNMTCWVSTPSLSPQNVSLTLSLGKKFELTYVSMHFCSRLPDSMALYKSADFGKTWTPFQFYSSEC
RRIFGRDPDVSITKSNEQEAVCTASHIMGPGGNRVAFPFLENRPSAQNFENSPVLQDWVTATDIKVVFSRLSPDQAELYG
LSNDVNSYGNETDDEVKQRYFYSMGELAVGGRCKCNGHASRCIFDKMGRYTCDCKHNTAGTECEMCKPFHYDRPWGRATA
NSANSCVACNCNQHAKRCRFDAELFRLSGNRSGGVCLNCRHNTAGRNCHLCKPGFVRDTSLPMTHRKACKSCGCHPVGSL
GKSCNQSSGQCVCKPGVTGTTCNRCAKGYQQSRSTVTPCIKIPHHHHHH
;
_entity_poly.pdbx_strand_id   A
#
# COMPACT_ATOMS: atom_id res chain seq x y z
N ASP A 15 -16.19 -9.97 -15.94
CA ASP A 15 -15.87 -11.33 -16.37
C ASP A 15 -15.56 -12.22 -15.16
N HIS A 16 -14.37 -12.80 -15.13
CA HIS A 16 -13.93 -13.62 -14.00
C HIS A 16 -13.30 -12.72 -12.95
N ASP A 17 -13.87 -12.72 -11.74
CA ASP A 17 -13.25 -12.00 -10.64
C ASP A 17 -12.51 -13.00 -9.77
N PRO A 18 -11.17 -13.10 -9.89
CA PRO A 18 -10.41 -13.98 -9.00
C PRO A 18 -10.46 -13.55 -7.55
N CYS A 19 -11.10 -12.42 -7.24
CA CYS A 19 -11.18 -11.95 -5.86
C CYS A 19 -12.44 -12.45 -5.14
N HIS A 20 -13.32 -13.19 -5.83
CA HIS A 20 -14.44 -13.86 -5.20
C HIS A 20 -14.57 -15.26 -5.77
N ASP A 21 -14.99 -16.21 -4.95
CA ASP A 21 -15.19 -17.57 -5.44
C ASP A 21 -16.56 -17.69 -6.11
N HIS A 22 -16.82 -18.86 -6.68
CA HIS A 22 -18.00 -19.05 -7.53
C HIS A 22 -19.30 -18.66 -6.83
N THR A 23 -19.36 -18.82 -5.49
CA THR A 23 -20.53 -18.38 -4.74
C THR A 23 -20.59 -16.87 -4.53
N GLY A 24 -19.46 -16.17 -4.64
CA GLY A 24 -19.39 -14.75 -4.41
C GLY A 24 -18.68 -14.34 -3.14
N ARG A 25 -18.18 -15.30 -2.36
CA ARG A 25 -17.49 -14.99 -1.12
C ARG A 25 -16.13 -14.37 -1.44
N PRO A 26 -15.72 -13.32 -0.72
CA PRO A 26 -14.39 -12.76 -0.94
C PRO A 26 -13.31 -13.77 -0.61
N VAL A 27 -12.25 -13.76 -1.43
CA VAL A 27 -11.05 -14.58 -1.23
C VAL A 27 -9.83 -13.73 -1.60
N ARG A 28 -8.68 -14.12 -1.05
CA ARG A 28 -7.40 -13.51 -1.41
C ARG A 28 -7.15 -13.59 -2.91
N CYS A 29 -6.54 -12.54 -3.48
CA CYS A 29 -6.21 -12.48 -4.91
C CYS A 29 -4.96 -11.61 -5.09
N VAL A 30 -4.06 -12.04 -5.97
CA VAL A 30 -2.84 -11.26 -6.21
C VAL A 30 -2.65 -10.99 -7.69
N PRO A 31 -2.06 -9.86 -8.07
CA PRO A 31 -1.73 -9.63 -9.48
C PRO A 31 -0.78 -10.71 -9.98
N GLU A 32 -0.76 -10.86 -11.31
CA GLU A 32 0.08 -11.87 -11.93
C GLU A 32 1.54 -11.51 -11.72
N PHE A 33 2.39 -12.53 -11.68
CA PHE A 33 3.83 -12.37 -11.55
C PHE A 33 4.40 -11.96 -12.91
N ILE A 34 5.11 -10.82 -12.96
CA ILE A 34 5.67 -10.29 -14.20
C ILE A 34 7.15 -9.93 -14.04
N ASN A 35 7.86 -9.83 -15.18
CA ASN A 35 9.07 -9.01 -15.24
C ASN A 35 8.67 -7.54 -15.20
N ALA A 36 8.70 -6.94 -14.02
CA ALA A 36 8.23 -5.58 -13.89
C ALA A 36 9.23 -4.53 -14.40
N ALA A 37 10.44 -4.93 -14.79
CA ALA A 37 11.36 -3.99 -15.42
C ALA A 37 11.00 -3.75 -16.87
N PHE A 38 10.43 -4.76 -17.52
CA PHE A 38 10.32 -4.79 -18.96
C PHE A 38 9.58 -3.58 -19.50
N GLY A 39 10.15 -2.94 -20.53
CA GLY A 39 9.50 -1.84 -21.22
C GLY A 39 9.43 -0.53 -20.47
N LYS A 40 10.15 -0.39 -19.35
CA LYS A 40 10.27 0.75 -18.44
C LYS A 40 11.62 1.42 -18.62
N PRO A 41 11.69 2.75 -18.45
CA PRO A 41 12.99 3.45 -18.63
C PRO A 41 13.97 3.11 -17.53
N VAL A 42 15.19 2.76 -17.91
CA VAL A 42 16.32 2.78 -16.96
C VAL A 42 17.13 4.03 -17.20
N ILE A 43 17.51 4.71 -16.13
CA ILE A 43 18.24 5.97 -16.20
C ILE A 43 19.68 5.70 -15.81
N ALA A 44 20.60 5.76 -16.79
CA ALA A 44 22.02 5.51 -16.54
C ALA A 44 22.74 6.81 -16.21
N SER A 45 23.66 6.74 -15.23
CA SER A 45 24.42 7.95 -14.89
C SER A 45 25.39 8.34 -15.99
N ASP A 46 25.78 7.38 -16.83
CA ASP A 46 26.76 7.61 -17.88
C ASP A 46 26.51 6.56 -18.95
N THR A 47 26.64 6.98 -20.20
CA THR A 47 26.48 6.14 -21.38
C THR A 47 27.53 6.57 -22.39
N CYS A 48 28.18 5.60 -23.03
CA CYS A 48 29.20 5.90 -24.02
C CYS A 48 28.61 6.64 -25.22
N GLY A 49 29.47 7.38 -25.91
CA GLY A 49 29.08 8.06 -27.14
C GLY A 49 28.13 9.23 -26.94
N THR A 50 28.09 9.78 -25.73
CA THR A 50 27.18 10.87 -25.37
C THR A 50 27.73 12.22 -25.82
N ASN A 51 29.04 12.41 -25.67
CA ASN A 51 29.70 13.68 -25.99
C ASN A 51 30.44 13.64 -27.31
N ARG A 52 30.83 12.46 -27.76
CA ARG A 52 31.72 12.26 -28.88
C ARG A 52 31.89 10.76 -29.05
N PRO A 53 32.20 10.27 -30.25
CA PRO A 53 32.44 8.83 -30.41
C PRO A 53 33.47 8.34 -29.42
N ASP A 54 33.37 7.05 -29.10
CA ASP A 54 34.20 6.40 -28.09
C ASP A 54 34.48 4.99 -28.56
N LYS A 55 35.75 4.63 -28.66
CA LYS A 55 36.06 3.25 -28.98
C LYS A 55 36.04 2.42 -27.71
N TYR A 56 35.43 1.22 -27.81
CA TYR A 56 35.41 0.25 -26.74
C TYR A 56 35.69 -1.13 -27.32
N CYS A 57 36.32 -1.99 -26.52
CA CYS A 57 36.84 -3.27 -26.99
C CYS A 57 36.49 -4.41 -26.02
N THR A 58 36.06 -5.55 -26.58
CA THR A 58 35.74 -6.76 -25.81
C THR A 58 36.50 -7.94 -26.39
N VAL A 59 36.93 -8.86 -25.52
CA VAL A 59 37.76 -9.99 -25.92
C VAL A 59 36.91 -11.25 -26.02
N LYS A 60 37.29 -12.13 -26.95
CA LYS A 60 36.50 -13.32 -27.26
C LYS A 60 37.36 -14.54 -27.63
N ARG A 68 40.28 -13.56 -29.45
CA ARG A 68 40.63 -12.35 -30.19
C ARG A 68 39.92 -11.11 -29.64
N GLU A 69 40.60 -9.96 -29.71
CA GLU A 69 40.04 -8.70 -29.24
C GLU A 69 39.28 -8.02 -30.38
N GLN A 70 38.16 -7.40 -30.03
CA GLN A 70 37.24 -6.82 -31.00
C GLN A 70 36.83 -5.43 -30.52
N CYS A 71 37.12 -4.41 -31.32
CA CYS A 71 36.76 -3.04 -30.99
C CYS A 71 35.64 -2.53 -31.90
N ASP A 72 34.78 -1.69 -31.33
CA ASP A 72 33.73 -1.00 -32.06
C ASP A 72 33.77 0.48 -31.69
N THR A 73 33.06 1.29 -32.47
CA THR A 73 32.79 2.68 -32.11
C THR A 73 31.42 2.77 -31.47
N CYS A 74 31.33 3.54 -30.38
CA CYS A 74 30.06 3.84 -29.74
C CYS A 74 29.73 5.31 -29.96
N ASP A 75 28.63 5.58 -30.66
CA ASP A 75 28.19 6.94 -30.95
C ASP A 75 26.68 6.98 -30.76
N ALA A 76 26.21 7.85 -29.87
CA ALA A 76 24.77 7.88 -29.58
C ALA A 76 23.93 8.45 -30.72
N ARG A 77 24.57 9.08 -31.71
CA ARG A 77 23.84 9.72 -32.80
C ARG A 77 23.39 8.72 -33.87
N ASN A 78 23.85 7.48 -33.83
CA ASN A 78 23.48 6.49 -34.83
C ASN A 78 22.97 5.26 -34.10
N HIS A 79 21.90 4.64 -34.62
N HIS A 79 21.88 4.68 -34.61
CA HIS A 79 21.31 3.53 -33.89
CA HIS A 79 21.29 3.52 -33.95
C HIS A 79 22.22 2.31 -33.90
C HIS A 79 22.28 2.38 -33.88
N PHE A 80 22.91 2.06 -34.99
CA PHE A 80 23.84 0.95 -35.06
C PHE A 80 25.08 1.13 -34.20
N GLN A 81 25.30 2.31 -33.62
CA GLN A 81 26.49 2.55 -32.81
C GLN A 81 26.16 3.00 -31.39
N SER A 82 24.88 2.95 -30.99
CA SER A 82 24.41 3.53 -29.74
C SER A 82 24.00 2.44 -28.77
N HIS A 83 24.32 2.65 -27.50
CA HIS A 83 24.02 1.69 -26.43
C HIS A 83 23.35 2.38 -25.25
N PRO A 84 22.17 2.96 -25.47
CA PRO A 84 21.43 3.59 -24.36
C PRO A 84 20.87 2.58 -23.37
N ALA A 85 20.60 3.08 -22.15
CA ALA A 85 20.03 2.28 -21.08
C ALA A 85 18.71 1.62 -21.48
N SER A 86 17.94 2.24 -22.38
CA SER A 86 16.69 1.62 -22.83
C SER A 86 16.90 0.19 -23.28
N LEU A 87 18.11 -0.15 -23.71
CA LEU A 87 18.36 -1.50 -24.15
C LEU A 87 18.25 -2.49 -23.01
N LEU A 88 18.26 -2.02 -21.75
CA LEU A 88 18.27 -2.94 -20.63
C LEU A 88 16.93 -3.65 -20.44
N THR A 89 15.82 -2.99 -20.76
CA THR A 89 14.50 -3.54 -20.51
C THR A 89 13.68 -3.74 -21.80
N ASP A 90 14.35 -3.89 -22.94
CA ASP A 90 13.67 -4.08 -24.21
C ASP A 90 13.63 -5.57 -24.55
N LEU A 91 13.03 -5.89 -25.69
CA LEU A 91 12.91 -7.28 -26.14
C LEU A 91 14.22 -7.75 -26.79
N ASN A 92 14.73 -8.89 -26.34
CA ASN A 92 16.03 -9.39 -26.80
C ASN A 92 15.83 -10.54 -27.76
N SER A 93 16.66 -10.57 -28.80
CA SER A 93 16.64 -11.65 -29.78
C SER A 93 17.65 -12.70 -29.38
N ILE A 94 17.47 -13.93 -29.89
CA ILE A 94 18.10 -15.10 -29.30
C ILE A 94 19.63 -15.02 -29.39
N GLY A 95 20.17 -14.54 -30.49
CA GLY A 95 21.61 -14.35 -30.49
C GLY A 95 22.01 -12.92 -30.74
N ASN A 96 21.23 -11.98 -30.19
CA ASN A 96 21.41 -10.59 -30.57
C ASN A 96 20.97 -9.78 -29.34
N MET A 97 21.84 -9.75 -28.35
CA MET A 97 21.55 -9.06 -27.12
C MET A 97 22.01 -7.61 -27.26
N THR A 98 21.05 -6.72 -27.21
CA THR A 98 21.32 -5.28 -27.17
C THR A 98 21.88 -4.91 -25.79
N CYS A 99 23.07 -4.28 -25.74
CA CYS A 99 23.72 -3.92 -24.47
C CYS A 99 23.90 -2.43 -24.28
N TRP A 100 23.65 -1.98 -23.05
CA TRP A 100 24.04 -0.66 -22.58
C TRP A 100 25.53 -0.69 -22.27
N VAL A 101 26.22 0.43 -22.52
CA VAL A 101 27.67 0.49 -22.35
C VAL A 101 28.04 1.83 -21.71
N SER A 102 28.79 1.79 -20.63
CA SER A 102 29.24 3.01 -19.97
C SER A 102 30.40 3.59 -20.78
N THR A 103 30.89 4.76 -20.37
CA THR A 103 31.95 5.43 -21.13
C THR A 103 33.33 4.90 -20.75
N PRO A 104 34.09 4.33 -21.67
CA PRO A 104 35.42 3.81 -21.33
C PRO A 104 36.24 4.84 -20.58
N SER A 105 36.73 4.44 -19.42
CA SER A 105 37.61 5.23 -18.59
C SER A 105 38.50 4.26 -17.83
N LEU A 106 39.79 4.57 -17.78
CA LEU A 106 40.70 3.77 -16.95
C LEU A 106 40.41 3.90 -15.46
N SER A 107 39.45 4.74 -15.07
CA SER A 107 39.07 4.93 -13.66
C SER A 107 37.57 4.90 -13.50
N PRO A 108 36.92 3.77 -13.79
CA PRO A 108 35.45 3.73 -13.75
C PRO A 108 34.92 3.49 -12.34
N GLN A 109 33.90 4.26 -11.96
CA GLN A 109 33.32 4.20 -10.62
C GLN A 109 32.06 5.04 -10.57
N ASN A 110 31.33 4.87 -9.48
CA ASN A 110 30.13 5.67 -9.19
C ASN A 110 29.13 5.67 -10.36
N VAL A 111 29.16 4.66 -11.24
CA VAL A 111 28.22 4.57 -12.36
C VAL A 111 26.96 3.82 -11.92
N SER A 112 25.78 4.43 -12.10
CA SER A 112 24.53 3.92 -11.58
C SER A 112 23.48 3.73 -12.66
N LEU A 113 22.62 2.72 -12.44
CA LEU A 113 21.39 2.49 -13.19
C LEU A 113 20.21 2.58 -12.22
N THR A 114 19.19 3.36 -12.58
CA THR A 114 18.03 3.57 -11.72
C THR A 114 16.75 3.25 -12.47
N LEU A 115 15.91 2.40 -11.87
CA LEU A 115 14.66 1.95 -12.50
C LEU A 115 13.49 2.26 -11.60
N SER A 116 12.51 2.97 -12.14
CA SER A 116 11.30 3.30 -11.41
C SER A 116 10.20 2.33 -11.83
N LEU A 117 9.59 1.67 -10.87
CA LEU A 117 8.44 0.84 -11.15
C LEU A 117 7.14 1.62 -11.21
N GLY A 118 7.11 2.80 -10.59
CA GLY A 118 5.93 3.65 -10.62
C GLY A 118 4.86 3.28 -9.61
N LYS A 119 5.10 2.25 -8.81
CA LYS A 119 4.11 1.58 -7.97
C LYS A 119 4.86 0.60 -7.11
N LYS A 120 4.34 0.32 -5.91
CA LYS A 120 4.99 -0.65 -5.06
C LYS A 120 4.79 -2.04 -5.64
N PHE A 121 5.85 -2.81 -5.67
CA PHE A 121 5.77 -4.22 -6.04
C PHE A 121 6.30 -5.03 -4.87
N GLU A 122 5.91 -6.28 -4.82
CA GLU A 122 6.58 -7.26 -3.98
C GLU A 122 7.49 -8.09 -4.86
N LEU A 123 8.80 -7.99 -4.62
CA LEU A 123 9.80 -8.57 -5.49
C LEU A 123 10.26 -9.95 -5.03
N THR A 124 10.39 -10.83 -6.00
CA THR A 124 11.03 -12.13 -5.86
C THR A 124 12.50 -12.11 -6.29
N TYR A 125 12.85 -11.46 -7.40
CA TYR A 125 14.25 -11.50 -7.83
C TYR A 125 14.61 -10.28 -8.65
N VAL A 126 15.92 -10.06 -8.74
CA VAL A 126 16.56 -9.09 -9.62
C VAL A 126 17.65 -9.82 -10.36
N SER A 127 17.62 -9.79 -11.69
CA SER A 127 18.58 -10.49 -12.53
C SER A 127 19.31 -9.50 -13.42
N MET A 128 20.62 -9.69 -13.58
CA MET A 128 21.46 -8.81 -14.40
C MET A 128 22.26 -9.65 -15.38
N HIS A 129 22.10 -9.40 -16.67
CA HIS A 129 22.87 -10.13 -17.68
C HIS A 129 23.93 -9.22 -18.29
N PHE A 130 25.16 -9.32 -17.78
CA PHE A 130 26.25 -8.48 -18.27
C PHE A 130 26.77 -9.00 -19.61
N CYS A 131 27.40 -8.09 -20.36
CA CYS A 131 27.78 -8.41 -21.73
C CYS A 131 29.26 -8.73 -21.86
N SER A 132 30.12 -7.82 -21.44
CA SER A 132 31.53 -8.14 -21.60
C SER A 132 31.99 -8.81 -20.31
N ARG A 133 32.67 -8.06 -19.47
CA ARG A 133 33.22 -8.58 -18.23
C ARG A 133 32.19 -8.46 -17.12
N LEU A 134 32.27 -9.36 -16.15
CA LEU A 134 31.48 -9.25 -14.93
C LEU A 134 32.11 -8.22 -13.99
N PRO A 135 31.36 -7.20 -13.55
CA PRO A 135 31.95 -6.18 -12.68
C PRO A 135 32.38 -6.75 -11.32
N ASP A 136 33.53 -6.25 -10.84
CA ASP A 136 34.11 -6.76 -9.61
C ASP A 136 33.26 -6.38 -8.40
N SER A 137 32.75 -5.15 -8.37
CA SER A 137 32.16 -4.59 -7.15
C SER A 137 30.97 -3.72 -7.52
N MET A 138 29.78 -4.13 -7.10
CA MET A 138 28.56 -3.40 -7.39
C MET A 138 27.62 -3.56 -6.20
N ALA A 139 26.68 -2.63 -6.07
CA ALA A 139 25.74 -2.65 -4.96
C ALA A 139 24.32 -2.46 -5.48
N LEU A 140 23.40 -3.27 -4.96
CA LEU A 140 21.99 -3.22 -5.32
C LEU A 140 21.19 -2.55 -4.22
N TYR A 141 20.41 -1.54 -4.59
CA TYR A 141 19.56 -0.82 -3.66
C TYR A 141 18.13 -0.85 -4.16
N LYS A 142 17.23 -0.53 -3.25
CA LYS A 142 15.82 -0.39 -3.54
C LYS A 142 15.34 0.87 -2.84
N SER A 143 14.30 1.46 -3.37
CA SER A 143 13.55 2.52 -2.72
C SER A 143 12.13 2.02 -2.54
N ALA A 144 11.47 2.54 -1.51
CA ALA A 144 10.06 2.21 -1.30
C ALA A 144 9.25 3.47 -1.14
N ASP A 145 9.80 4.60 -1.58
CA ASP A 145 9.19 5.92 -1.47
C ASP A 145 9.46 6.72 -2.75
N PHE A 146 9.53 6.04 -3.88
CA PHE A 146 9.65 6.68 -5.20
C PHE A 146 10.95 7.46 -5.31
N GLY A 147 12.03 6.82 -4.92
CA GLY A 147 13.34 7.40 -5.12
C GLY A 147 13.80 8.40 -4.09
N LYS A 148 12.96 8.76 -3.11
CA LYS A 148 13.40 9.72 -2.09
C LYS A 148 14.57 9.16 -1.29
N THR A 149 14.54 7.89 -0.92
CA THR A 149 15.60 7.27 -0.12
C THR A 149 15.87 5.85 -0.61
N TRP A 150 17.08 5.36 -0.33
CA TRP A 150 17.55 4.06 -0.80
C TRP A 150 18.16 3.26 0.36
N THR A 151 17.87 1.95 0.38
CA THR A 151 18.53 1.00 1.28
C THR A 151 19.18 -0.11 0.47
N PRO A 152 20.36 -0.57 0.87
CA PRO A 152 20.96 -1.70 0.15
C PRO A 152 20.21 -3.00 0.40
N PHE A 153 20.31 -3.95 -0.54
CA PHE A 153 19.79 -5.28 -0.26
C PHE A 153 20.69 -6.43 -0.71
N GLN A 154 21.77 -6.18 -1.46
CA GLN A 154 22.78 -7.19 -1.75
C GLN A 154 24.00 -6.47 -2.30
N PHE A 155 25.18 -6.95 -1.94
CA PHE A 155 26.44 -6.44 -2.46
C PHE A 155 27.24 -7.54 -3.14
N TYR A 156 28.08 -7.13 -4.10
CA TYR A 156 29.03 -8.04 -4.75
C TYR A 156 30.39 -7.36 -4.80
N SER A 157 31.42 -8.04 -4.29
CA SER A 157 32.76 -7.46 -4.33
C SER A 157 33.79 -8.53 -4.00
N SER A 158 34.96 -8.41 -4.62
CA SER A 158 36.08 -9.25 -4.23
C SER A 158 36.69 -8.81 -2.91
N GLU A 159 36.32 -7.60 -2.40
CA GLU A 159 36.81 -7.04 -1.14
C GLU A 159 35.65 -6.34 -0.43
N CYS A 160 34.67 -7.12 0.02
CA CYS A 160 33.52 -6.62 0.76
C CYS A 160 33.91 -5.67 1.90
N ARG A 161 34.91 -6.05 2.70
CA ARG A 161 35.25 -5.22 3.85
C ARG A 161 35.72 -3.83 3.42
N ARG A 162 36.77 -3.76 2.59
CA ARG A 162 37.36 -2.47 2.25
C ARG A 162 36.39 -1.61 1.44
N ILE A 163 35.72 -2.19 0.46
CA ILE A 163 34.89 -1.41 -0.46
C ILE A 163 33.58 -0.99 0.20
N PHE A 164 32.85 -1.95 0.75
CA PHE A 164 31.47 -1.76 1.20
C PHE A 164 31.30 -1.86 2.71
N GLY A 165 32.39 -1.98 3.46
CA GLY A 165 32.32 -1.97 4.91
C GLY A 165 31.50 -3.09 5.50
N ARG A 166 31.51 -4.27 4.87
CA ARG A 166 30.72 -5.40 5.33
C ARG A 166 31.52 -6.70 5.23
N ASP A 167 31.30 -7.59 6.20
CA ASP A 167 31.92 -8.90 6.15
C ASP A 167 31.31 -9.71 5.00
N PRO A 168 32.09 -10.58 4.38
CA PRO A 168 31.53 -11.39 3.29
C PRO A 168 30.72 -12.57 3.81
N ASP A 169 29.56 -12.78 3.18
CA ASP A 169 28.78 -14.00 3.37
C ASP A 169 28.28 -14.10 4.80
N VAL A 170 27.81 -12.97 5.34
CA VAL A 170 27.25 -12.96 6.70
C VAL A 170 26.03 -13.88 6.75
N SER A 171 26.01 -14.76 7.75
CA SER A 171 24.90 -15.70 7.90
C SER A 171 23.61 -14.96 8.23
N ILE A 172 22.52 -15.42 7.62
CA ILE A 172 21.19 -14.84 7.87
C ILE A 172 20.49 -15.66 8.97
N THR A 173 20.29 -15.07 10.14
CA THR A 173 19.53 -15.70 11.23
C THR A 173 18.14 -15.04 11.36
N LYS A 174 17.37 -15.55 12.30
CA LYS A 174 16.05 -14.99 12.59
C LYS A 174 16.13 -13.54 13.06
N SER A 175 17.31 -13.09 13.51
CA SER A 175 17.44 -11.76 14.09
C SER A 175 18.14 -10.78 13.17
N ASN A 176 18.26 -11.11 11.88
CA ASN A 176 18.82 -10.20 10.89
C ASN A 176 18.36 -10.63 9.49
N GLU A 177 17.06 -10.89 9.34
CA GLU A 177 16.54 -11.41 8.08
C GLU A 177 16.60 -10.38 6.96
N GLN A 178 16.71 -9.10 7.29
CA GLN A 178 16.93 -8.06 6.29
C GLN A 178 18.41 -7.80 6.06
N GLU A 179 19.27 -8.79 6.34
CA GLU A 179 20.69 -8.62 6.10
C GLU A 179 20.93 -8.38 4.63
N ALA A 180 21.80 -7.41 4.34
CA ALA A 180 22.22 -7.16 2.96
C ALA A 180 23.57 -7.83 2.76
N VAL A 181 23.55 -9.07 2.25
CA VAL A 181 24.77 -9.86 2.16
C VAL A 181 25.70 -9.30 1.11
N CYS A 182 27.00 -9.38 1.38
CA CYS A 182 28.03 -9.09 0.41
C CYS A 182 28.81 -10.38 0.11
N THR A 183 29.00 -10.68 -1.18
CA THR A 183 29.69 -11.91 -1.56
C THR A 183 30.67 -11.64 -2.70
N ALA A 184 31.74 -12.44 -2.76
CA ALA A 184 32.63 -12.51 -3.91
C ALA A 184 32.36 -13.74 -4.79
N SER A 185 31.24 -14.44 -4.56
CA SER A 185 30.97 -15.71 -5.23
C SER A 185 30.35 -15.53 -6.60
N HIS A 186 30.00 -14.30 -6.98
CA HIS A 186 29.59 -14.03 -8.35
C HIS A 186 30.73 -14.20 -9.33
N ILE A 187 31.97 -14.23 -8.85
CA ILE A 187 33.13 -14.01 -9.72
C ILE A 187 33.36 -15.21 -10.63
N MET A 188 33.38 -16.42 -10.08
CA MET A 188 33.37 -17.61 -10.91
C MET A 188 32.06 -18.38 -10.76
N GLY A 189 30.97 -17.65 -10.56
CA GLY A 189 29.69 -18.22 -10.24
C GLY A 189 29.13 -19.03 -11.38
N PRO A 190 28.06 -19.78 -11.11
CA PRO A 190 27.49 -20.63 -12.15
C PRO A 190 26.69 -19.86 -13.21
N GLY A 191 26.22 -18.67 -12.90
CA GLY A 191 25.55 -17.90 -13.93
C GLY A 191 26.48 -17.28 -14.97
N GLY A 192 27.79 -17.35 -14.77
CA GLY A 192 28.71 -16.66 -15.65
C GLY A 192 28.45 -15.16 -15.63
N ASN A 193 28.13 -14.57 -16.79
CA ASN A 193 27.85 -13.14 -16.83
C ASN A 193 26.43 -12.79 -16.40
N ARG A 194 25.64 -13.77 -15.96
CA ARG A 194 24.31 -13.48 -15.44
C ARG A 194 24.32 -13.63 -13.92
N VAL A 195 23.86 -12.60 -13.23
CA VAL A 195 23.83 -12.56 -11.78
C VAL A 195 22.40 -12.30 -11.36
N ALA A 196 21.85 -13.18 -10.52
CA ALA A 196 20.48 -13.12 -10.03
C ALA A 196 20.50 -13.10 -8.51
N PHE A 197 19.76 -12.15 -7.92
CA PHE A 197 19.54 -12.12 -6.48
C PHE A 197 18.10 -12.49 -6.18
N PRO A 198 17.83 -13.60 -5.47
CA PRO A 198 16.46 -13.89 -5.04
C PRO A 198 16.20 -13.40 -3.62
N PHE A 199 15.15 -12.58 -3.44
CA PHE A 199 14.95 -11.89 -2.16
C PHE A 199 14.71 -12.86 -1.00
N LEU A 200 14.06 -14.00 -1.24
CA LEU A 200 13.63 -14.88 -0.15
C LEU A 200 14.57 -16.05 0.08
N GLU A 201 15.53 -16.26 -0.79
CA GLU A 201 16.48 -17.34 -0.57
C GLU A 201 17.20 -17.15 0.77
N ASN A 202 17.29 -18.23 1.53
CA ASN A 202 18.00 -18.25 2.81
C ASN A 202 17.44 -17.28 3.84
N ARG A 203 16.23 -16.77 3.64
CA ARG A 203 15.57 -16.03 4.70
C ARG A 203 14.79 -17.00 5.58
N PRO A 204 15.06 -17.07 6.89
CA PRO A 204 14.39 -18.06 7.75
C PRO A 204 12.86 -18.05 7.68
N SER A 205 12.23 -16.89 7.66
CA SER A 205 10.77 -16.84 7.70
C SER A 205 10.12 -16.99 6.32
N ALA A 206 10.88 -17.40 5.31
CA ALA A 206 10.38 -17.45 3.94
C ALA A 206 9.08 -18.23 3.83
N GLN A 207 9.05 -19.44 4.40
CA GLN A 207 7.85 -20.26 4.36
C GLN A 207 6.67 -19.67 5.13
N ASN A 208 6.90 -18.70 6.01
CA ASN A 208 5.82 -18.02 6.73
C ASN A 208 5.64 -16.58 6.24
N PHE A 209 5.68 -16.37 4.92
CA PHE A 209 5.72 -15.01 4.39
C PHE A 209 4.46 -14.23 4.75
N GLU A 210 3.28 -14.86 4.63
CA GLU A 210 2.01 -14.19 4.88
C GLU A 210 1.87 -13.68 6.31
N ASN A 211 2.67 -14.18 7.24
CA ASN A 211 2.68 -13.68 8.61
C ASN A 211 4.02 -13.07 8.98
N SER A 212 4.75 -12.51 8.02
CA SER A 212 6.07 -11.96 8.29
C SER A 212 6.12 -10.52 7.80
N PRO A 213 5.71 -9.56 8.64
CA PRO A 213 5.83 -8.15 8.23
C PRO A 213 7.25 -7.78 7.82
N VAL A 214 8.24 -8.39 8.48
CA VAL A 214 9.64 -8.06 8.21
C VAL A 214 10.02 -8.49 6.80
N LEU A 215 9.57 -9.68 6.36
CA LEU A 215 9.83 -10.10 4.99
C LEU A 215 8.94 -9.34 3.99
N GLN A 216 7.70 -9.03 4.37
CA GLN A 216 6.84 -8.26 3.49
C GLN A 216 7.45 -6.90 3.22
N ASP A 217 8.10 -6.32 4.23
CA ASP A 217 8.85 -5.09 4.04
C ASP A 217 10.08 -5.31 3.18
N TRP A 218 10.77 -6.42 3.40
CA TRP A 218 12.00 -6.72 2.69
C TRP A 218 11.79 -6.67 1.17
N VAL A 219 10.66 -7.19 0.69
CA VAL A 219 10.46 -7.36 -0.74
C VAL A 219 9.65 -6.23 -1.37
N THR A 220 9.29 -5.20 -0.61
CA THR A 220 8.52 -4.10 -1.16
C THR A 220 9.46 -3.03 -1.73
N ALA A 221 9.25 -2.65 -2.99
CA ALA A 221 10.06 -1.59 -3.60
C ALA A 221 9.25 -0.84 -4.64
N THR A 222 9.51 0.48 -4.74
CA THR A 222 9.06 1.26 -5.88
C THR A 222 10.14 1.47 -6.95
N ASP A 223 11.42 1.33 -6.60
CA ASP A 223 12.52 1.58 -7.51
C ASP A 223 13.66 0.64 -7.16
N ILE A 224 14.53 0.42 -8.14
CA ILE A 224 15.78 -0.31 -7.98
C ILE A 224 16.91 0.55 -8.49
N LYS A 225 18.10 0.35 -7.94
CA LYS A 225 19.28 1.10 -8.34
C LYS A 225 20.49 0.18 -8.23
N VAL A 226 21.23 0.04 -9.33
CA VAL A 226 22.50 -0.66 -9.34
C VAL A 226 23.61 0.37 -9.40
N VAL A 227 24.55 0.30 -8.46
CA VAL A 227 25.70 1.20 -8.45
C VAL A 227 26.94 0.36 -8.68
N PHE A 228 27.69 0.69 -9.74
CA PHE A 228 28.95 0.02 -10.03
C PHE A 228 30.10 0.83 -9.44
N SER A 229 31.01 0.14 -8.75
CA SER A 229 32.14 0.81 -8.11
C SER A 229 33.47 0.48 -8.74
N ARG A 230 33.64 -0.74 -9.26
CA ARG A 230 34.92 -1.15 -9.80
C ARG A 230 34.69 -2.26 -10.82
N LEU A 231 35.27 -2.11 -12.01
CA LEU A 231 35.14 -3.15 -13.02
C LEU A 231 36.03 -4.34 -12.68
N SER A 232 37.31 -4.10 -12.52
CA SER A 232 38.26 -5.10 -12.12
C SER A 232 39.12 -4.54 -10.99
N PRO A 233 39.67 -5.41 -10.13
CA PRO A 233 40.64 -4.93 -9.13
C PRO A 233 41.95 -4.40 -9.70
N ASP A 234 41.90 -3.78 -10.88
CA ASP A 234 43.11 -3.39 -11.62
C ASP A 234 44.07 -4.56 -11.71
N GLN A 235 43.52 -5.71 -12.11
CA GLN A 235 44.28 -6.90 -12.41
C GLN A 235 44.16 -7.32 -13.87
N ALA A 236 43.24 -6.75 -14.64
CA ALA A 236 43.07 -7.07 -16.05
C ALA A 236 43.96 -6.20 -16.94
N GLU A 251 51.68 1.02 -26.38
CA GLU A 251 50.23 1.09 -26.18
C GLU A 251 49.85 2.31 -25.32
N THR A 252 49.39 3.38 -25.97
CA THR A 252 48.94 4.56 -25.22
C THR A 252 47.76 4.18 -24.33
N ASP A 253 47.59 4.94 -23.24
CA ASP A 253 46.51 4.67 -22.29
C ASP A 253 45.14 4.75 -22.94
N ASP A 254 45.01 5.45 -24.07
CA ASP A 254 43.77 5.44 -24.84
C ASP A 254 43.38 4.04 -25.28
N GLU A 255 44.32 3.08 -25.27
CA GLU A 255 44.06 1.73 -25.74
C GLU A 255 43.43 0.86 -24.65
N VAL A 256 44.03 0.82 -23.46
CA VAL A 256 43.47 0.05 -22.35
C VAL A 256 42.24 0.73 -21.77
N LYS A 257 42.14 2.06 -21.95
CA LYS A 257 40.90 2.78 -21.66
C LYS A 257 39.73 2.11 -22.37
N GLN A 258 39.96 1.60 -23.58
CA GLN A 258 38.92 0.98 -24.39
C GLN A 258 38.49 -0.39 -23.86
N ARG A 259 39.03 -0.85 -22.73
CA ARG A 259 38.60 -2.12 -22.15
C ARG A 259 37.87 -1.96 -20.82
N TYR A 260 38.09 -0.86 -20.09
CA TYR A 260 37.42 -0.65 -18.80
C TYR A 260 36.12 0.11 -19.02
N PHE A 261 35.01 -0.61 -18.90
CA PHE A 261 33.68 -0.05 -19.03
C PHE A 261 32.68 -1.06 -18.48
N TYR A 262 31.61 -0.52 -17.93
CA TYR A 262 30.46 -1.34 -17.54
C TYR A 262 29.54 -1.55 -18.73
N SER A 263 28.88 -2.70 -18.75
CA SER A 263 28.06 -3.09 -19.90
C SER A 263 27.09 -4.21 -19.55
N MET A 264 25.82 -4.07 -19.95
CA MET A 264 24.80 -5.01 -19.50
C MET A 264 23.64 -5.02 -20.49
N GLY A 265 23.09 -6.20 -20.75
CA GLY A 265 22.05 -6.31 -21.74
C GLY A 265 20.65 -6.69 -21.27
N GLU A 266 20.46 -6.99 -19.98
CA GLU A 266 19.14 -7.42 -19.53
C GLU A 266 19.04 -7.14 -18.03
N LEU A 267 18.14 -6.24 -17.67
CA LEU A 267 17.78 -5.98 -16.27
C LEU A 267 16.35 -6.48 -16.07
N ALA A 268 16.20 -7.58 -15.33
CA ALA A 268 14.88 -8.15 -15.09
C ALA A 268 14.58 -8.10 -13.59
N VAL A 269 13.37 -7.65 -13.25
CA VAL A 269 12.91 -7.54 -11.87
C VAL A 269 11.59 -8.29 -11.76
N GLY A 270 11.64 -9.49 -11.17
CA GLY A 270 10.48 -10.37 -11.11
C GLY A 270 9.69 -10.13 -9.83
N GLY A 271 8.39 -9.92 -9.99
CA GLY A 271 7.56 -9.74 -8.82
C GLY A 271 6.10 -9.55 -9.18
N ARG A 272 5.36 -9.02 -8.21
CA ARG A 272 3.94 -8.74 -8.33
C ARG A 272 3.63 -7.36 -7.81
N CYS A 273 2.71 -6.69 -8.48
CA CYS A 273 2.15 -5.44 -8.00
C CYS A 273 1.54 -5.65 -6.61
N LYS A 274 1.94 -4.83 -5.64
CA LYS A 274 1.56 -5.05 -4.23
C LYS A 274 0.15 -4.52 -3.97
N CYS A 275 -0.78 -5.42 -3.66
CA CYS A 275 -2.16 -5.03 -3.37
C CYS A 275 -2.69 -5.69 -2.12
N ASN A 276 -1.84 -6.37 -1.36
CA ASN A 276 -2.18 -6.88 -0.05
C ASN A 276 -3.25 -7.97 -0.11
N GLY A 277 -3.30 -8.69 -1.20
CA GLY A 277 -4.29 -9.75 -1.31
C GLY A 277 -5.66 -9.31 -1.73
N HIS A 278 -5.86 -8.02 -2.03
CA HIS A 278 -7.19 -7.51 -2.28
C HIS A 278 -7.42 -7.08 -3.74
N ALA A 279 -6.55 -7.51 -4.67
CA ALA A 279 -6.77 -7.18 -6.09
C ALA A 279 -6.06 -8.20 -7.00
N SER A 280 -6.69 -8.51 -8.13
CA SER A 280 -6.07 -9.39 -9.13
C SER A 280 -5.31 -8.63 -10.20
N ARG A 281 -5.47 -7.32 -10.30
CA ARG A 281 -4.73 -6.57 -11.31
C ARG A 281 -4.48 -5.14 -10.83
N CYS A 282 -3.49 -4.51 -11.47
CA CYS A 282 -3.23 -3.09 -11.36
C CYS A 282 -3.50 -2.41 -12.70
N ILE A 283 -3.91 -1.14 -12.63
CA ILE A 283 -4.46 -0.42 -13.76
C ILE A 283 -4.05 1.05 -13.70
N PHE A 284 -4.40 1.79 -14.73
CA PHE A 284 -4.33 3.24 -14.70
C PHE A 284 -5.73 3.80 -14.49
N ASP A 285 -5.93 4.53 -13.40
CA ASP A 285 -7.24 5.12 -13.17
C ASP A 285 -7.43 6.32 -14.10
N LYS A 286 -8.62 6.91 -14.03
CA LYS A 286 -8.94 8.03 -14.91
C LYS A 286 -8.12 9.28 -14.61
N MET A 287 -7.30 9.26 -13.57
CA MET A 287 -6.38 10.36 -13.29
C MET A 287 -4.95 10.06 -13.75
N GLY A 288 -4.72 8.89 -14.33
CA GLY A 288 -3.40 8.54 -14.82
C GLY A 288 -2.52 7.81 -13.83
N ARG A 289 -2.99 7.60 -12.60
CA ARG A 289 -2.17 6.95 -11.59
C ARG A 289 -2.19 5.44 -11.80
N TYR A 290 -1.01 4.83 -11.75
CA TYR A 290 -0.92 3.38 -11.73
C TYR A 290 -1.26 2.92 -10.33
N THR A 291 -2.25 2.04 -10.22
CA THR A 291 -2.78 1.68 -8.90
C THR A 291 -3.49 0.32 -8.98
N CYS A 292 -3.62 -0.31 -7.81
CA CYS A 292 -4.36 -1.56 -7.68
C CYS A 292 -5.83 -1.37 -8.05
N ASP A 293 -6.43 -2.42 -8.59
CA ASP A 293 -7.88 -2.45 -8.80
C ASP A 293 -8.52 -3.06 -7.57
N CYS A 294 -8.61 -2.25 -6.51
CA CYS A 294 -8.90 -2.76 -5.17
C CYS A 294 -10.28 -3.41 -5.10
N LYS A 295 -10.33 -4.57 -4.47
CA LYS A 295 -11.55 -5.27 -4.13
C LYS A 295 -11.68 -5.35 -2.60
N HIS A 296 -12.73 -6.03 -2.13
CA HIS A 296 -12.92 -6.32 -0.71
C HIS A 296 -13.16 -5.05 0.11
N ASN A 297 -13.86 -4.09 -0.51
CA ASN A 297 -14.18 -2.80 0.12
C ASN A 297 -12.94 -2.12 0.70
N THR A 298 -11.80 -2.29 0.03
CA THR A 298 -10.58 -1.58 0.37
C THR A 298 -10.35 -0.42 -0.59
N ALA A 299 -9.35 0.38 -0.25
CA ALA A 299 -8.97 1.53 -1.05
C ALA A 299 -7.48 1.79 -0.83
N GLY A 300 -6.98 2.84 -1.47
CA GLY A 300 -5.57 3.15 -1.45
C GLY A 300 -4.85 2.50 -2.63
N THR A 301 -3.70 3.07 -2.97
CA THR A 301 -3.00 2.54 -4.13
C THR A 301 -2.59 1.09 -3.91
N GLU A 302 -2.33 0.69 -2.64
CA GLU A 302 -1.98 -0.68 -2.34
C GLU A 302 -3.11 -1.48 -1.67
N CYS A 303 -4.36 -1.01 -1.78
CA CYS A 303 -5.48 -1.62 -1.04
C CYS A 303 -5.18 -1.75 0.46
N GLU A 304 -4.49 -0.76 1.02
CA GLU A 304 -3.90 -0.85 2.36
C GLU A 304 -4.79 -0.25 3.42
N MET A 305 -5.93 0.32 3.04
CA MET A 305 -6.93 0.85 3.96
C MET A 305 -8.32 0.56 3.40
N CYS A 306 -9.34 0.73 4.25
CA CYS A 306 -10.73 0.53 3.89
C CYS A 306 -11.33 1.73 3.13
N LYS A 307 -12.35 1.45 2.30
CA LYS A 307 -13.09 2.52 1.61
C LYS A 307 -13.90 3.37 2.58
N PRO A 308 -14.26 4.59 2.18
CA PRO A 308 -15.17 5.40 2.99
C PRO A 308 -16.42 4.64 3.37
N PHE A 309 -16.91 4.91 4.59
CA PHE A 309 -18.10 4.29 5.15
C PHE A 309 -17.97 2.76 5.29
N HIS A 310 -16.74 2.23 5.29
CA HIS A 310 -16.51 0.79 5.44
C HIS A 310 -15.57 0.53 6.60
N TYR A 311 -15.95 1.04 7.77
CA TYR A 311 -15.05 1.19 8.90
C TYR A 311 -15.51 0.39 10.12
N ASP A 312 -16.22 -0.71 9.89
CA ASP A 312 -16.76 -1.51 10.99
C ASP A 312 -15.71 -2.47 11.55
N ARG A 313 -14.80 -2.95 10.70
CA ARG A 313 -13.72 -3.83 11.08
C ARG A 313 -12.39 -3.17 10.81
N PRO A 314 -11.34 -3.54 11.55
CA PRO A 314 -10.01 -3.03 11.22
C PRO A 314 -9.56 -3.57 9.87
N TRP A 315 -8.83 -2.72 9.13
CA TRP A 315 -8.22 -3.20 7.90
C TRP A 315 -7.28 -4.35 8.20
N GLY A 316 -7.22 -5.30 7.25
CA GLY A 316 -6.20 -6.32 7.27
C GLY A 316 -5.79 -6.77 5.88
N ARG A 317 -4.58 -7.31 5.79
CA ARG A 317 -4.15 -7.99 4.59
C ARG A 317 -4.88 -9.33 4.46
N ALA A 318 -5.34 -9.64 3.25
CA ALA A 318 -5.98 -10.92 2.98
C ALA A 318 -4.98 -12.07 3.12
N THR A 319 -5.50 -13.22 3.55
CA THR A 319 -4.71 -14.43 3.68
C THR A 319 -5.49 -15.59 3.05
N ALA A 320 -4.79 -16.72 2.90
CA ALA A 320 -5.48 -17.95 2.50
C ALA A 320 -6.75 -18.20 3.31
N ASN A 321 -6.70 -17.96 4.64
CA ASN A 321 -7.84 -18.27 5.51
C ASN A 321 -9.03 -17.36 5.24
N SER A 322 -8.78 -16.09 4.98
CA SER A 322 -9.87 -15.12 4.95
C SER A 322 -9.41 -13.88 4.19
N ALA A 323 -10.32 -13.34 3.39
CA ALA A 323 -10.03 -12.13 2.65
C ALA A 323 -9.93 -10.90 3.54
N ASN A 324 -10.47 -10.93 4.77
CA ASN A 324 -10.47 -9.75 5.64
C ASN A 324 -11.06 -8.55 4.91
N SER A 325 -12.20 -8.82 4.27
CA SER A 325 -12.95 -7.81 3.55
C SER A 325 -13.42 -6.72 4.51
N CYS A 326 -13.19 -5.46 4.16
CA CYS A 326 -13.69 -4.36 4.97
C CYS A 326 -15.22 -4.40 5.00
N VAL A 327 -15.78 -4.00 6.14
CA VAL A 327 -17.21 -4.17 6.43
C VAL A 327 -17.86 -2.79 6.55
N ALA A 328 -19.02 -2.64 5.92
CA ALA A 328 -19.67 -1.33 5.86
C ALA A 328 -20.28 -0.99 7.22
N CYS A 329 -20.20 0.27 7.61
CA CYS A 329 -20.89 0.71 8.82
C CYS A 329 -22.39 0.62 8.63
N ASN A 330 -23.09 0.34 9.74
CA ASN A 330 -24.56 0.37 9.78
C ASN A 330 -25.00 1.64 10.49
N CYS A 331 -25.60 2.55 9.73
CA CYS A 331 -26.13 3.80 10.28
C CYS A 331 -27.61 3.95 9.99
N ASN A 332 -28.30 2.83 9.83
CA ASN A 332 -29.74 2.77 9.61
C ASN A 332 -30.22 3.84 8.65
N GLN A 333 -29.42 4.12 7.62
CA GLN A 333 -29.73 5.11 6.59
C GLN A 333 -29.79 6.53 7.16
N HIS A 334 -29.05 6.81 8.24
CA HIS A 334 -29.13 8.13 8.86
C HIS A 334 -27.81 8.90 8.92
N ALA A 335 -26.72 8.38 8.33
CA ALA A 335 -25.44 9.06 8.45
C ALA A 335 -24.61 8.87 7.18
N LYS A 336 -23.93 9.95 6.77
CA LYS A 336 -23.11 9.89 5.56
C LYS A 336 -21.73 9.30 5.84
N ARG A 337 -21.15 9.61 6.99
CA ARG A 337 -19.82 9.13 7.36
C ARG A 337 -19.88 8.37 8.68
N CYS A 338 -18.86 7.54 8.87
CA CYS A 338 -18.64 6.82 10.12
C CYS A 338 -17.13 6.70 10.35
N ARG A 339 -16.76 6.25 11.54
CA ARG A 339 -15.35 6.08 11.86
C ARG A 339 -15.16 4.79 12.62
N PHE A 340 -13.96 4.22 12.52
CA PHE A 340 -13.64 3.00 13.24
C PHE A 340 -13.18 3.37 14.64
N ASP A 341 -13.78 2.75 15.65
CA ASP A 341 -13.36 2.93 17.04
C ASP A 341 -12.79 1.58 17.51
N ALA A 342 -11.50 1.57 17.85
CA ALA A 342 -10.84 0.30 18.13
C ALA A 342 -11.25 -0.26 19.48
N GLU A 343 -11.38 0.61 20.48
CA GLU A 343 -11.76 0.13 21.80
C GLU A 343 -13.17 -0.44 21.78
N LEU A 344 -14.09 0.19 21.07
CA LEU A 344 -15.43 -0.38 20.93
C LEU A 344 -15.38 -1.74 20.26
N PHE A 345 -14.58 -1.86 19.20
CA PHE A 345 -14.36 -3.15 18.54
C PHE A 345 -13.90 -4.21 19.52
N ARG A 346 -12.87 -3.90 20.31
CA ARG A 346 -12.36 -4.82 21.31
C ARG A 346 -13.40 -5.15 22.38
N LEU A 347 -14.34 -4.24 22.66
CA LEU A 347 -15.37 -4.51 23.65
C LEU A 347 -16.52 -5.30 23.08
N SER A 348 -16.84 -5.11 21.80
CA SER A 348 -17.85 -5.91 21.12
C SER A 348 -17.48 -7.39 21.05
N GLY A 349 -16.29 -7.77 21.51
CA GLY A 349 -15.79 -9.08 21.18
C GLY A 349 -15.18 -9.17 19.80
N ASN A 350 -14.49 -8.12 19.36
CA ASN A 350 -13.83 -8.07 18.05
C ASN A 350 -14.81 -8.34 16.92
N ARG A 351 -16.01 -7.77 17.01
CA ARG A 351 -17.07 -7.99 16.03
C ARG A 351 -17.35 -6.71 15.25
N SER A 352 -17.86 -5.67 15.88
CA SER A 352 -18.16 -4.41 15.22
C SER A 352 -17.49 -3.26 15.95
N GLY A 353 -17.14 -2.22 15.20
CA GLY A 353 -16.42 -1.10 15.76
C GLY A 353 -16.70 0.23 15.07
N GLY A 354 -17.68 0.26 14.17
CA GLY A 354 -18.01 1.52 13.50
C GLY A 354 -18.88 2.41 14.36
N VAL A 355 -18.55 3.69 14.40
CA VAL A 355 -19.35 4.71 15.08
C VAL A 355 -19.86 5.68 14.02
N CYS A 356 -21.18 5.78 13.87
CA CYS A 356 -21.75 6.72 12.91
C CYS A 356 -21.52 8.16 13.34
N LEU A 357 -21.43 9.04 12.36
CA LEU A 357 -21.06 10.43 12.54
C LEU A 357 -22.24 11.31 12.15
N ASN A 358 -22.64 12.19 13.04
CA ASN A 358 -23.70 13.14 12.78
C ASN A 358 -24.97 12.47 12.26
N CYS A 359 -25.50 11.51 13.04
CA CYS A 359 -26.82 10.97 12.74
C CYS A 359 -27.81 12.10 12.49
N ARG A 360 -28.60 11.96 11.43
CA ARG A 360 -29.60 12.94 11.07
C ARG A 360 -30.99 12.45 11.46
N HIS A 361 -31.99 13.27 11.18
CA HIS A 361 -33.38 12.87 11.31
C HIS A 361 -33.73 12.57 12.76
N ASN A 362 -33.05 13.26 13.68
CA ASN A 362 -33.31 13.16 15.12
C ASN A 362 -33.08 11.76 15.67
N THR A 363 -32.16 11.02 15.06
CA THR A 363 -31.71 9.74 15.57
C THR A 363 -30.43 9.94 16.39
N ALA A 364 -29.95 8.86 16.99
CA ALA A 364 -28.85 8.92 17.94
C ALA A 364 -28.25 7.52 18.10
N GLY A 365 -27.07 7.47 18.72
CA GLY A 365 -26.43 6.21 19.01
C GLY A 365 -25.39 5.83 17.97
N ARG A 366 -24.53 4.89 18.34
CA ARG A 366 -23.40 4.60 17.47
C ARG A 366 -23.84 3.96 16.16
N ASN A 367 -25.08 3.53 16.05
CA ASN A 367 -25.63 2.99 14.81
C ASN A 367 -26.77 3.84 14.28
N CYS A 368 -26.92 5.08 14.77
CA CYS A 368 -28.13 5.86 14.57
C CYS A 368 -29.36 4.99 14.80
N HIS A 369 -29.31 4.14 15.82
CA HIS A 369 -30.35 3.16 16.11
C HIS A 369 -31.26 3.58 17.25
N LEU A 370 -31.08 4.78 17.81
CA LEU A 370 -31.89 5.29 18.91
C LEU A 370 -32.48 6.63 18.51
N CYS A 371 -33.29 7.20 19.39
CA CYS A 371 -33.90 8.50 19.15
C CYS A 371 -33.29 9.55 20.06
N LYS A 372 -32.90 10.68 19.46
CA LYS A 372 -32.39 11.88 20.11
C LYS A 372 -33.31 12.30 21.27
N PRO A 373 -32.76 12.94 22.32
CA PRO A 373 -33.61 13.42 23.43
C PRO A 373 -34.75 14.31 22.94
N GLY A 374 -35.96 14.03 23.42
CA GLY A 374 -37.13 14.74 22.97
C GLY A 374 -37.88 14.10 21.81
N PHE A 375 -37.45 12.91 21.40
CA PHE A 375 -38.07 12.16 20.32
C PHE A 375 -38.32 10.73 20.79
N VAL A 376 -39.03 9.97 19.95
CA VAL A 376 -39.54 8.68 20.38
C VAL A 376 -39.77 7.81 19.16
N ARG A 377 -39.56 6.52 19.33
CA ARG A 377 -39.54 5.54 18.24
C ARG A 377 -40.96 5.33 17.72
N ASP A 378 -41.27 5.89 16.54
CA ASP A 378 -42.52 5.63 15.83
C ASP A 378 -42.53 4.16 15.38
N THR A 379 -43.25 3.33 16.14
CA THR A 379 -43.18 1.88 15.95
C THR A 379 -43.68 1.44 14.59
N SER A 380 -44.63 2.17 14.00
CA SER A 380 -45.21 1.76 12.71
C SER A 380 -44.20 1.81 11.57
N LEU A 381 -43.16 2.62 11.68
CA LEU A 381 -42.19 2.68 10.61
C LEU A 381 -40.92 1.95 11.01
N PRO A 382 -40.09 1.55 10.05
CA PRO A 382 -38.79 0.94 10.39
C PRO A 382 -37.74 1.98 10.78
N MET A 383 -36.72 1.49 11.49
CA MET A 383 -35.65 2.37 11.96
C MET A 383 -34.93 3.09 10.83
N THR A 384 -34.96 2.52 9.62
CA THR A 384 -34.30 3.14 8.48
C THR A 384 -35.15 4.24 7.83
N HIS A 385 -36.35 4.50 8.34
CA HIS A 385 -37.22 5.49 7.74
C HIS A 385 -36.88 6.89 8.22
N ARG A 386 -37.02 7.86 7.32
CA ARG A 386 -36.65 9.24 7.63
C ARG A 386 -37.46 9.81 8.79
N LYS A 387 -38.55 9.15 9.18
CA LYS A 387 -39.40 9.55 10.30
C LYS A 387 -39.49 8.45 11.35
N ALA A 388 -38.41 7.68 11.54
CA ALA A 388 -38.38 6.68 12.60
C ALA A 388 -38.51 7.31 13.99
N CYS A 389 -38.15 8.57 14.13
CA CYS A 389 -38.18 9.25 15.43
C CYS A 389 -39.12 10.44 15.31
N LYS A 390 -40.25 10.39 16.02
CA LYS A 390 -41.26 11.44 16.04
C LYS A 390 -41.11 12.27 17.31
N SER A 391 -41.41 13.56 17.20
CA SER A 391 -41.23 14.45 18.34
C SER A 391 -42.10 14.00 19.51
N CYS A 392 -41.58 14.18 20.72
CA CYS A 392 -42.35 13.84 21.92
C CYS A 392 -43.51 14.79 22.10
N GLY A 393 -43.41 15.99 21.54
CA GLY A 393 -44.47 16.96 21.63
C GLY A 393 -44.77 17.48 23.02
N CYS A 394 -43.86 17.28 23.98
CA CYS A 394 -44.15 17.58 25.38
C CYS A 394 -44.43 19.06 25.58
N HIS A 395 -45.57 19.38 26.14
CA HIS A 395 -45.91 20.75 26.44
C HIS A 395 -44.88 21.33 27.39
N PRO A 396 -44.17 22.40 27.01
CA PRO A 396 -43.01 22.82 27.82
C PRO A 396 -43.36 23.24 29.24
N VAL A 397 -44.50 23.89 29.44
CA VAL A 397 -44.81 24.44 30.77
C VAL A 397 -45.29 23.35 31.72
N GLY A 398 -46.07 22.40 31.24
CA GLY A 398 -46.62 21.37 32.10
C GLY A 398 -45.71 20.17 32.33
N SER A 399 -44.73 20.02 31.47
CA SER A 399 -43.81 18.90 31.56
C SER A 399 -42.52 19.34 32.22
N LEU A 400 -41.80 18.37 32.80
CA LEU A 400 -40.52 18.65 33.43
C LEU A 400 -39.34 18.56 32.44
N GLY A 401 -39.41 17.67 31.45
CA GLY A 401 -38.37 17.60 30.46
C GLY A 401 -38.97 17.45 29.08
N LYS A 402 -38.15 17.80 28.08
CA LYS A 402 -38.53 17.60 26.67
C LYS A 402 -38.60 16.13 26.33
N SER A 403 -37.68 15.34 26.89
CA SER A 403 -37.65 13.91 26.61
C SER A 403 -38.87 13.24 27.23
N CYS A 404 -39.42 12.27 26.52
CA CYS A 404 -40.59 11.54 26.97
C CYS A 404 -40.27 10.06 27.08
N ASN A 405 -41.23 9.32 27.62
CA ASN A 405 -41.17 7.87 27.69
C ASN A 405 -40.98 7.27 26.31
N GLN A 406 -39.83 6.61 26.08
CA GLN A 406 -39.43 6.12 24.77
C GLN A 406 -40.33 5.00 24.23
N SER A 407 -41.31 4.55 25.01
CA SER A 407 -42.18 3.44 24.64
C SER A 407 -43.63 3.84 24.46
N SER A 408 -44.19 4.58 25.41
CA SER A 408 -45.57 5.03 25.36
C SER A 408 -45.70 6.49 24.98
N GLY A 409 -44.60 7.23 24.93
CA GLY A 409 -44.60 8.63 24.58
C GLY A 409 -45.01 9.56 25.69
N GLN A 410 -45.76 9.08 26.68
CA GLN A 410 -46.13 9.85 27.87
C GLN A 410 -44.98 10.71 28.36
N CYS A 411 -45.25 12.00 28.53
CA CYS A 411 -44.23 12.95 28.96
C CYS A 411 -44.15 13.02 30.48
N VAL A 412 -43.16 13.78 30.95
CA VAL A 412 -42.85 13.91 32.37
C VAL A 412 -43.69 15.06 32.94
N CYS A 413 -44.83 14.71 33.54
CA CYS A 413 -45.81 15.70 34.01
C CYS A 413 -45.47 16.21 35.41
N LYS A 414 -45.58 17.54 35.57
CA LYS A 414 -45.48 18.14 36.88
C LYS A 414 -46.65 17.72 37.75
N PRO A 415 -46.55 17.93 39.06
CA PRO A 415 -47.73 17.79 39.94
C PRO A 415 -48.94 18.55 39.41
N GLY A 416 -50.08 17.88 39.45
CA GLY A 416 -51.34 18.47 39.02
C GLY A 416 -51.58 18.45 37.53
N VAL A 417 -50.58 18.10 36.74
CA VAL A 417 -50.70 18.09 35.28
C VAL A 417 -51.01 16.68 34.82
N THR A 418 -51.78 16.56 33.75
CA THR A 418 -52.11 15.27 33.17
C THR A 418 -52.08 15.41 31.66
N GLY A 419 -52.31 14.30 30.98
CA GLY A 419 -52.34 14.25 29.53
C GLY A 419 -51.13 13.52 28.98
N THR A 420 -51.24 13.17 27.68
CA THR A 420 -50.13 12.47 27.04
C THR A 420 -48.90 13.36 26.98
N THR A 421 -49.09 14.64 26.72
CA THR A 421 -48.01 15.61 26.61
C THR A 421 -48.01 16.62 27.76
N CYS A 422 -48.66 16.28 28.88
CA CYS A 422 -48.68 17.13 30.07
C CYS A 422 -49.13 18.56 29.76
N ASN A 423 -50.25 18.69 29.06
CA ASN A 423 -50.69 20.00 28.59
C ASN A 423 -52.00 20.47 29.19
N ARG A 424 -52.57 19.74 30.15
CA ARG A 424 -53.78 20.17 30.83
C ARG A 424 -53.66 19.83 32.32
N CYS A 425 -54.40 20.57 33.12
CA CYS A 425 -54.48 20.28 34.54
C CYS A 425 -55.36 19.06 34.79
N ALA A 426 -55.03 18.31 35.84
CA ALA A 426 -55.83 17.15 36.20
C ALA A 426 -57.11 17.57 36.91
N LYS A 427 -58.07 16.65 36.97
CA LYS A 427 -59.29 16.87 37.72
C LYS A 427 -58.98 17.37 39.12
N GLY A 428 -59.66 18.44 39.53
CA GLY A 428 -59.40 19.04 40.82
C GLY A 428 -58.31 20.10 40.83
N TYR A 429 -57.65 20.35 39.70
CA TYR A 429 -56.65 21.39 39.58
C TYR A 429 -57.10 22.43 38.56
N GLN A 430 -56.49 23.60 38.62
CA GLN A 430 -56.86 24.70 37.74
C GLN A 430 -55.62 25.49 37.37
N GLN A 431 -55.65 26.08 36.18
CA GLN A 431 -54.53 26.84 35.64
C GLN A 431 -54.12 27.96 36.57
N SER A 432 -52.87 27.93 37.01
CA SER A 432 -52.33 28.99 37.85
C SER A 432 -51.66 30.05 36.97
N ARG A 433 -50.97 31.00 37.61
CA ARG A 433 -50.18 31.99 36.90
C ARG A 433 -48.71 31.60 36.81
N SER A 434 -48.19 30.96 37.87
CA SER A 434 -46.80 30.53 37.88
C SER A 434 -46.55 29.45 36.84
N THR A 435 -45.39 29.54 36.18
CA THR A 435 -45.00 28.53 35.21
C THR A 435 -44.06 27.48 35.79
N VAL A 436 -43.65 27.64 37.06
CA VAL A 436 -43.00 26.55 37.78
C VAL A 436 -44.03 25.49 38.16
N THR A 437 -45.13 25.90 38.77
CA THR A 437 -46.23 25.03 39.19
C THR A 437 -47.50 25.55 38.53
N PRO A 438 -47.76 25.17 37.28
CA PRO A 438 -48.88 25.78 36.54
C PRO A 438 -50.25 25.32 36.98
N CYS A 439 -50.38 24.21 37.70
CA CYS A 439 -51.70 23.74 38.14
C CYS A 439 -51.72 23.61 39.66
N ILE A 440 -52.52 24.44 40.30
CA ILE A 440 -52.72 24.42 41.75
C ILE A 440 -54.03 23.71 42.05
N LYS A 441 -54.17 23.23 43.28
CA LYS A 441 -55.41 22.60 43.69
C LYS A 441 -56.54 23.62 43.70
N ILE A 442 -57.72 23.19 43.26
CA ILE A 442 -58.92 24.02 43.29
C ILE A 442 -59.44 24.11 44.72
N PRO A 443 -59.57 25.30 45.28
CA PRO A 443 -60.16 25.39 46.63
C PRO A 443 -61.61 24.94 46.63
N HIS A 444 -61.98 24.26 47.70
CA HIS A 444 -63.33 23.74 47.97
C HIS A 444 -63.69 22.55 47.10
N HIS A 445 -62.72 21.98 46.37
CA HIS A 445 -62.94 20.80 45.55
C HIS A 445 -62.52 19.56 46.35
N HIS A 446 -63.46 18.64 46.59
CA HIS A 446 -63.16 17.44 47.37
C HIS A 446 -62.22 16.51 46.58
N HIS A 447 -61.16 16.03 47.24
CA HIS A 447 -60.22 15.09 46.62
C HIS A 447 -60.24 13.72 47.30
#